data_8BSD
#
_entry.id   8BSD
#
_cell.length_a   167.470
_cell.length_b   167.470
_cell.length_c   51.510
_cell.angle_alpha   90.000
_cell.angle_beta   90.000
_cell.angle_gamma   120.000
#
_symmetry.space_group_name_H-M   'P 31 2 1'
#
loop_
_entity.id
_entity.type
_entity.pdbx_description
1 polymer "2'-O-methyltransferase nsp16"
2 polymer 'Non-structural protein 10'
3 non-polymer 1,2-ETHANEDIOL
4 non-polymer '2-(N-MORPHOLINO)-ETHANESULFONIC ACID'
5 non-polymer "'2-(4-AMINO-PYRROLO[2,3-D]PYRIMIDIN-7-YL)-5-HYDROXYMETHYL-TETRAHYDRO-FURAN-3,4-DIOL"
6 non-polymer 'CHLORIDE ION'
7 non-polymer 'ZINC ION'
8 water water
#
loop_
_entity_poly.entity_id
_entity_poly.type
_entity_poly.pdbx_seq_one_letter_code
_entity_poly.pdbx_strand_id
1 'polypeptide(L)'
;SSQAWQPGVAMPNLYKMQRMLLEKCDLQNYGDSATLPKGIMMNVAKYTQLCQYLNTLTLAVPYNMRVIHFGAGSDKGVAP
GTAVLRQWLPTGTLLVDSDLNDFVSDADSTLIGDCATVHTANKWDLIISDMYDPKTKNVTKENDSKEGFFTYICGFIQQK
LALGGSVAIKITEHSWNADLYKLMGHFAWWTAFVTNVNASSSEAFLIGCNYLGKPREQIDGYVMHANYIFWRNTNPIQLS
SYSLFDMSKFPLKLRGTAVMSLKEGQINDMILSLLSKGRLIIRENNRVVISSDVLVNNENLYFQ
;
A
2 'polypeptide(L)'
;GAGNATEVPANSTVLSFCAFAVDAAKAYKDYLASGGQPITNCVKMLCTHTGTGQAITVTPEANMDQESFGGASCCLYCRC
HIDHPNPKGFCDLKGKYVQIPTTCANDPVGFTLKNTVCTVCGMWKGYGCSCDQLREPMLQ
;
B
#
# COMPACT_ATOMS: atom_id res chain seq x y z
N SER A 1 23.84 11.57 12.08
CA SER A 1 23.05 11.65 10.81
C SER A 1 21.63 12.07 11.14
N SER A 2 21.04 11.35 12.11
CA SER A 2 19.63 11.43 12.47
C SER A 2 18.77 10.69 11.44
N GLN A 3 19.03 10.97 10.15
CA GLN A 3 18.10 10.58 9.09
C GLN A 3 17.97 9.07 8.98
N ALA A 4 19.05 8.34 9.29
CA ALA A 4 19.07 6.90 9.12
C ALA A 4 18.10 6.21 10.06
N TRP A 5 17.72 6.85 11.17
CA TRP A 5 16.75 6.30 12.10
C TRP A 5 15.33 6.72 11.78
N GLN A 6 15.15 7.59 10.78
CA GLN A 6 13.81 7.93 10.30
C GLN A 6 13.34 6.85 9.34
N PRO A 7 12.05 6.82 9.01
CA PRO A 7 11.61 5.91 7.94
C PRO A 7 12.07 6.34 6.57
N GLY A 8 12.44 7.60 6.40
CA GLY A 8 12.88 8.08 5.12
C GLY A 8 13.16 9.56 5.23
N VAL A 9 13.22 10.23 4.09
CA VAL A 9 13.54 11.65 4.05
C VAL A 9 12.53 12.35 3.16
N ALA A 10 11.96 13.43 3.68
CA ALA A 10 11.04 14.30 2.94
C ALA A 10 11.80 15.46 2.30
N MET A 11 11.38 15.84 1.10
CA MET A 11 12.03 16.96 0.39
C MET A 11 11.98 18.24 1.19
N PRO A 12 13.11 18.82 1.53
CA PRO A 12 13.07 20.04 2.37
C PRO A 12 12.44 21.23 1.66
N ASN A 13 11.69 22.03 2.44
CA ASN A 13 10.92 23.13 1.88
C ASN A 13 11.77 24.02 0.99
N LEU A 14 13.01 24.26 1.39
CA LEU A 14 13.81 25.19 0.59
C LEU A 14 14.02 24.67 -0.82
N TYR A 15 14.10 23.34 -1.01
CA TYR A 15 14.29 22.85 -2.37
C TYR A 15 13.01 23.05 -3.18
N LYS A 16 11.85 23.00 -2.52
CA LYS A 16 10.59 23.23 -3.21
C LYS A 16 10.51 24.63 -3.80
N MET A 17 11.18 25.59 -3.15
CA MET A 17 11.11 26.99 -3.50
C MET A 17 12.07 27.40 -4.59
N GLN A 18 12.81 26.47 -5.17
CA GLN A 18 13.79 26.83 -6.18
C GLN A 18 13.13 26.90 -7.57
N ARG A 19 13.92 27.28 -8.58
CA ARG A 19 13.51 27.27 -9.98
C ARG A 19 14.61 26.56 -10.77
N MET A 20 14.79 25.28 -10.50
CA MET A 20 15.86 24.56 -11.16
C MET A 20 15.43 24.13 -12.56
N LEU A 21 16.43 23.80 -13.37
CA LEU A 21 16.20 23.13 -14.64
C LEU A 21 16.41 21.63 -14.47
N LEU A 22 15.65 20.87 -15.26
CA LEU A 22 15.70 19.43 -15.16
C LEU A 22 17.03 18.89 -15.65
N GLU A 23 17.70 18.11 -14.82
CA GLU A 23 18.90 17.39 -15.20
C GLU A 23 18.68 15.90 -15.05
N LYS A 24 19.67 15.15 -15.52
CA LYS A 24 19.67 13.72 -15.30
C LYS A 24 19.88 13.44 -13.82
N CYS A 25 19.23 12.40 -13.33
CA CYS A 25 19.39 11.98 -11.94
C CYS A 25 20.57 11.03 -11.84
N ASP A 26 21.60 11.43 -11.10
N ASP A 26 21.61 11.41 -11.10
CA ASP A 26 22.77 10.59 -10.82
CA ASP A 26 22.76 10.53 -10.84
C ASP A 26 22.90 10.43 -9.31
C ASP A 26 22.92 10.42 -9.34
N LEU A 27 22.50 9.28 -8.79
CA LEU A 27 22.53 9.06 -7.34
C LEU A 27 23.84 8.40 -6.94
N GLN A 28 24.53 9.04 -5.99
CA GLN A 28 25.78 8.50 -5.45
C GLN A 28 25.59 7.07 -4.95
N ASN A 29 24.50 6.81 -4.26
CA ASN A 29 24.25 5.52 -3.62
C ASN A 29 23.56 4.53 -4.55
N TYR A 30 23.38 4.88 -5.82
N TYR A 30 23.39 4.87 -5.83
CA TYR A 30 22.86 3.90 -6.78
CA TYR A 30 22.85 3.91 -6.79
C TYR A 30 23.61 2.59 -6.61
C TYR A 30 23.62 2.59 -6.67
N GLY A 31 22.88 1.49 -6.61
CA GLY A 31 23.48 0.18 -6.44
C GLY A 31 23.70 -0.30 -5.00
N ASP A 32 23.88 0.61 -4.04
CA ASP A 32 23.77 0.24 -2.64
C ASP A 32 22.43 -0.48 -2.39
N SER A 33 22.34 -1.28 -1.33
CA SER A 33 21.10 -1.94 -0.92
C SER A 33 21.05 -1.95 0.60
N ALA A 34 19.85 -1.73 1.15
CA ALA A 34 19.68 -1.83 2.58
C ALA A 34 19.64 -3.30 2.97
N THR A 35 19.96 -3.56 4.23
CA THR A 35 19.95 -4.91 4.76
C THR A 35 18.56 -5.13 5.33
N LEU A 36 17.73 -5.83 4.61
CA LEU A 36 16.36 -6.03 5.05
C LEU A 36 16.33 -7.09 6.16
N PRO A 37 15.43 -6.98 7.13
CA PRO A 37 15.28 -8.08 8.08
C PRO A 37 15.03 -9.39 7.36
N LYS A 38 15.44 -10.48 7.98
CA LYS A 38 15.30 -11.81 7.40
C LYS A 38 13.88 -12.06 6.88
N GLY A 39 13.80 -12.49 5.62
CA GLY A 39 12.56 -12.90 5.00
C GLY A 39 11.60 -11.78 4.66
N ILE A 40 12.01 -10.53 4.81
CA ILE A 40 11.15 -9.38 4.53
C ILE A 40 11.42 -8.88 3.11
N MET A 41 10.34 -8.74 2.33
CA MET A 41 10.36 -8.24 0.95
C MET A 41 10.59 -6.74 0.92
N MET A 42 11.26 -6.26 -0.13
CA MET A 42 11.36 -4.82 -0.37
C MET A 42 10.00 -4.12 -0.33
N ASN A 43 8.99 -4.67 -0.99
CA ASN A 43 7.70 -3.97 -1.03
C ASN A 43 7.12 -3.79 0.37
N VAL A 44 7.27 -4.81 1.22
CA VAL A 44 6.73 -4.68 2.59
C VAL A 44 7.50 -3.59 3.35
N ALA A 45 8.81 -3.60 3.24
CA ALA A 45 9.64 -2.61 3.92
C ALA A 45 9.33 -1.20 3.44
N LYS A 46 9.16 -1.06 2.14
CA LYS A 46 8.95 0.24 1.54
C LYS A 46 7.63 0.81 1.99
N TYR A 47 6.57 -0.02 1.94
CA TYR A 47 5.27 0.47 2.40
C TYR A 47 5.28 0.70 3.91
N THR A 48 5.98 -0.15 4.65
CA THR A 48 6.06 0.09 6.09
C THR A 48 6.64 1.48 6.36
N GLN A 49 7.70 1.84 5.64
CA GLN A 49 8.33 3.13 5.87
C GLN A 49 7.44 4.27 5.40
N LEU A 50 6.76 4.09 4.26
CA LEU A 50 5.81 5.10 3.81
C LEU A 50 4.75 5.35 4.88
N CYS A 51 4.21 4.27 5.45
CA CYS A 51 3.15 4.45 6.44
C CYS A 51 3.69 5.08 7.72
N GLN A 52 4.89 4.67 8.13
CA GLN A 52 5.54 5.31 9.28
C GLN A 52 5.68 6.82 9.06
N TYR A 53 6.02 7.24 7.84
CA TYR A 53 6.09 8.67 7.56
C TYR A 53 4.70 9.30 7.60
N LEU A 54 3.73 8.60 7.03
CA LEU A 54 2.38 9.17 6.99
C LEU A 54 1.82 9.34 8.40
N ASN A 55 2.27 8.51 9.36
CA ASN A 55 1.86 8.68 10.75
C ASN A 55 2.27 10.03 11.32
N THR A 56 3.22 10.73 10.71
CA THR A 56 3.70 12.02 11.20
C THR A 56 2.95 13.20 10.61
N LEU A 57 1.99 12.95 9.73
CA LEU A 57 1.23 14.01 9.10
C LEU A 57 -0.16 14.07 9.74
N THR A 58 -0.90 15.09 9.36
CA THR A 58 -2.25 15.35 9.86
C THR A 58 -3.31 14.70 8.96
N LEU A 59 -3.19 13.40 8.79
CA LEU A 59 -4.16 12.64 8.02
C LEU A 59 -5.51 12.62 8.73
N ALA A 60 -6.56 12.82 7.96
CA ALA A 60 -7.91 12.57 8.46
C ALA A 60 -8.18 11.07 8.49
N VAL A 61 -8.73 10.60 9.61
CA VAL A 61 -8.96 9.17 9.85
C VAL A 61 -10.38 9.04 10.38
N PRO A 62 -11.37 9.07 9.51
CA PRO A 62 -12.76 8.96 9.95
C PRO A 62 -13.14 7.53 10.29
N TYR A 63 -14.28 7.40 10.99
CA TYR A 63 -14.95 6.09 11.01
C TYR A 63 -15.40 5.77 9.59
N ASN A 64 -15.48 4.48 9.28
N ASN A 64 -15.43 4.48 9.25
CA ASN A 64 -15.84 4.02 7.93
CA ASN A 64 -15.87 4.05 7.92
C ASN A 64 -14.94 4.69 6.89
C ASN A 64 -14.94 4.61 6.84
N MET A 65 -13.64 4.64 7.15
CA MET A 65 -12.65 5.16 6.22
C MET A 65 -12.63 4.37 4.91
N ARG A 66 -12.38 5.08 3.82
CA ARG A 66 -12.35 4.52 2.48
C ARG A 66 -10.98 4.78 1.88
N VAL A 67 -10.27 3.70 1.50
CA VAL A 67 -8.93 3.80 0.94
C VAL A 67 -8.86 2.99 -0.34
N ILE A 68 -8.24 3.55 -1.38
CA ILE A 68 -8.04 2.85 -2.64
C ILE A 68 -6.56 2.86 -2.99
N HIS A 69 -6.10 1.72 -3.50
CA HIS A 69 -4.69 1.42 -3.74
C HIS A 69 -4.51 0.93 -5.18
N PHE A 70 -3.94 1.79 -6.03
CA PHE A 70 -3.61 1.47 -7.41
C PHE A 70 -2.19 0.92 -7.55
N GLY A 71 -2.02 0.07 -8.55
CA GLY A 71 -0.73 -0.54 -8.81
C GLY A 71 -0.34 -1.54 -7.76
N ALA A 72 -1.29 -2.30 -7.24
CA ALA A 72 -1.07 -3.11 -6.05
C ALA A 72 -0.58 -4.53 -6.31
N GLY A 73 -0.49 -4.97 -7.56
CA GLY A 73 -0.08 -6.34 -7.84
C GLY A 73 1.44 -6.44 -8.01
N SER A 74 1.99 -7.61 -7.74
CA SER A 74 3.39 -7.89 -8.00
C SER A 74 3.52 -8.91 -9.12
N ASP A 75 4.73 -9.06 -9.61
CA ASP A 75 5.06 -10.12 -10.54
C ASP A 75 4.85 -11.51 -9.93
N LYS A 76 4.72 -11.64 -8.62
N LYS A 76 4.73 -11.62 -8.61
CA LYS A 76 4.52 -12.95 -8.01
CA LYS A 76 4.53 -12.91 -7.97
C LYS A 76 3.05 -13.20 -7.67
C LYS A 76 3.07 -13.18 -7.63
N GLY A 77 2.16 -12.30 -8.08
CA GLY A 77 0.72 -12.57 -7.98
C GLY A 77 0.09 -12.30 -6.64
N VAL A 78 0.78 -11.57 -5.76
CA VAL A 78 0.25 -11.20 -4.44
C VAL A 78 0.37 -9.67 -4.29
N ALA A 79 -0.03 -9.16 -3.12
CA ALA A 79 -0.19 -7.73 -2.91
C ALA A 79 0.45 -7.37 -1.58
N PRO A 80 1.78 -7.28 -1.54
CA PRO A 80 2.45 -6.97 -0.30
C PRO A 80 2.10 -5.59 0.23
N GLY A 81 2.06 -4.58 -0.63
CA GLY A 81 1.68 -3.25 -0.21
C GLY A 81 0.30 -3.19 0.39
N THR A 82 -0.67 -3.86 -0.23
CA THR A 82 -2.01 -3.89 0.36
C THR A 82 -1.97 -4.50 1.76
N ALA A 83 -1.18 -5.54 1.94
CA ALA A 83 -1.09 -6.17 3.25
C ALA A 83 -0.54 -5.19 4.29
N VAL A 84 0.43 -4.36 3.92
CA VAL A 84 0.93 -3.36 4.88
C VAL A 84 -0.13 -2.29 5.15
N LEU A 85 -0.83 -1.83 4.11
CA LEU A 85 -1.84 -0.81 4.31
C LEU A 85 -2.95 -1.30 5.22
N ARG A 86 -3.35 -2.55 5.08
CA ARG A 86 -4.44 -3.06 5.89
C ARG A 86 -4.00 -3.27 7.34
N GLN A 87 -2.74 -3.63 7.54
CA GLN A 87 -2.17 -3.66 8.89
C GLN A 87 -2.15 -2.27 9.50
N TRP A 88 -1.68 -1.29 8.73
CA TRP A 88 -1.59 0.08 9.19
C TRP A 88 -2.95 0.69 9.49
N LEU A 89 -3.92 0.48 8.59
CA LEU A 89 -5.20 1.16 8.71
C LEU A 89 -6.03 0.53 9.83
N PRO A 90 -6.88 1.33 10.46
CA PRO A 90 -7.77 0.78 11.49
C PRO A 90 -8.56 -0.40 10.96
N THR A 91 -8.77 -1.37 11.83
CA THR A 91 -9.59 -2.50 11.47
C THR A 91 -10.95 -2.03 10.99
N GLY A 92 -11.45 -2.65 9.95
CA GLY A 92 -12.69 -2.25 9.35
C GLY A 92 -12.57 -1.22 8.28
N THR A 93 -11.40 -0.64 8.09
CA THR A 93 -11.25 0.32 7.01
C THR A 93 -11.57 -0.38 5.69
N LEU A 94 -12.40 0.27 4.89
CA LEU A 94 -12.70 -0.24 3.56
C LEU A 94 -11.49 -0.03 2.66
N LEU A 95 -10.92 -1.13 2.15
CA LEU A 95 -9.71 -1.06 1.32
C LEU A 95 -9.98 -1.75 -0.01
N VAL A 96 -9.84 -0.99 -1.09
CA VAL A 96 -9.96 -1.49 -2.46
C VAL A 96 -8.61 -1.37 -3.17
N ASP A 97 -8.24 -2.39 -3.93
CA ASP A 97 -6.97 -2.30 -4.67
C ASP A 97 -7.15 -2.77 -6.11
N SER A 98 -6.14 -2.49 -6.92
CA SER A 98 -6.27 -2.64 -8.36
C SER A 98 -4.91 -2.77 -8.99
N ASP A 99 -4.88 -3.45 -10.12
CA ASP A 99 -3.68 -3.56 -10.94
C ASP A 99 -4.10 -3.99 -12.35
N LEU A 100 -3.23 -3.67 -13.28
CA LEU A 100 -3.34 -4.17 -14.64
C LEU A 100 -3.32 -5.69 -14.71
N ASN A 101 -2.50 -6.34 -13.87
CA ASN A 101 -2.31 -7.78 -13.87
C ASN A 101 -2.99 -8.46 -12.70
N ASP A 102 -3.35 -9.73 -12.90
N ASP A 102 -3.27 -9.75 -12.89
CA ASP A 102 -4.09 -10.44 -11.86
CA ASP A 102 -3.98 -10.54 -11.90
C ASP A 102 -3.19 -10.67 -10.65
C ASP A 102 -3.14 -10.68 -10.64
N PHE A 103 -3.79 -10.62 -9.47
CA PHE A 103 -3.10 -10.90 -8.24
C PHE A 103 -4.16 -11.27 -7.21
N VAL A 104 -3.73 -11.92 -6.14
CA VAL A 104 -4.60 -12.20 -5.01
C VAL A 104 -4.24 -11.27 -3.86
N SER A 105 -5.25 -10.77 -3.18
CA SER A 105 -5.10 -9.67 -2.26
C SER A 105 -5.94 -9.87 -1.01
N ASP A 106 -5.51 -9.22 0.07
CA ASP A 106 -6.25 -9.06 1.31
C ASP A 106 -7.18 -7.86 1.30
N ALA A 107 -7.20 -7.09 0.24
CA ALA A 107 -8.15 -6.00 0.14
C ALA A 107 -9.59 -6.52 0.20
N ASP A 108 -10.51 -5.65 0.62
CA ASP A 108 -11.92 -6.04 0.62
C ASP A 108 -12.45 -6.24 -0.80
N SER A 109 -11.89 -5.52 -1.76
CA SER A 109 -12.28 -5.77 -3.15
C SER A 109 -11.12 -5.40 -4.03
N THR A 110 -10.95 -6.16 -5.11
CA THR A 110 -9.86 -6.02 -6.06
C THR A 110 -10.41 -5.94 -7.47
N LEU A 111 -9.94 -4.98 -8.24
CA LEU A 111 -10.33 -4.81 -9.65
C LEU A 111 -9.09 -5.01 -10.50
N ILE A 112 -9.18 -5.86 -11.51
CA ILE A 112 -8.08 -6.16 -12.41
C ILE A 112 -8.38 -5.50 -13.74
N GLY A 113 -7.45 -4.71 -14.25
CA GLY A 113 -7.57 -3.97 -15.48
C GLY A 113 -6.76 -2.69 -15.41
N ASP A 114 -6.67 -2.01 -16.55
CA ASP A 114 -6.07 -0.66 -16.58
C ASP A 114 -6.80 0.24 -15.61
N CYS A 115 -6.07 1.09 -14.88
CA CYS A 115 -6.75 1.94 -13.91
C CYS A 115 -7.81 2.80 -14.58
N ALA A 116 -7.65 3.10 -15.86
CA ALA A 116 -8.61 3.98 -16.54
C ALA A 116 -9.99 3.34 -16.66
N THR A 117 -10.07 2.02 -16.53
CA THR A 117 -11.36 1.33 -16.51
C THR A 117 -12.07 1.40 -15.16
N VAL A 118 -11.45 1.99 -14.13
CA VAL A 118 -11.99 1.90 -12.76
C VAL A 118 -12.84 3.12 -12.48
N HIS A 119 -14.07 2.86 -12.03
CA HIS A 119 -15.03 3.87 -11.63
C HIS A 119 -15.54 3.57 -10.24
N THR A 120 -15.89 4.63 -9.51
CA THR A 120 -16.48 4.46 -8.19
C THR A 120 -17.56 5.51 -8.03
N ALA A 121 -18.64 5.08 -7.38
CA ALA A 121 -19.73 5.96 -7.03
C ALA A 121 -19.30 6.95 -5.95
N ASN A 122 -18.52 6.48 -5.00
CA ASN A 122 -18.19 7.21 -3.80
C ASN A 122 -16.85 7.96 -3.88
N LYS A 123 -16.60 8.77 -2.87
CA LYS A 123 -15.32 9.46 -2.69
C LYS A 123 -14.47 8.72 -1.68
N TRP A 124 -13.18 9.06 -1.66
CA TRP A 124 -12.18 8.31 -0.90
C TRP A 124 -11.46 9.25 0.06
N ASP A 125 -11.05 8.71 1.18
CA ASP A 125 -10.30 9.47 2.17
C ASP A 125 -8.80 9.40 1.98
N LEU A 126 -8.32 8.39 1.25
CA LEU A 126 -6.89 8.21 1.03
C LEU A 126 -6.70 7.41 -0.25
N ILE A 127 -5.82 7.90 -1.11
CA ILE A 127 -5.48 7.26 -2.37
C ILE A 127 -3.99 6.97 -2.37
N ILE A 128 -3.64 5.70 -2.54
CA ILE A 128 -2.25 5.25 -2.67
C ILE A 128 -2.05 4.69 -4.08
N SER A 129 -0.92 5.05 -4.71
CA SER A 129 -0.59 4.51 -6.03
C SER A 129 0.87 4.11 -6.08
N ASP A 130 1.12 2.86 -6.45
CA ASP A 130 2.46 2.41 -6.81
C ASP A 130 2.58 2.08 -8.29
N MET A 131 1.65 2.60 -9.11
CA MET A 131 1.65 2.30 -10.53
C MET A 131 2.98 2.78 -11.12
N TYR A 132 3.54 1.96 -11.98
CA TYR A 132 4.84 2.26 -12.56
C TYR A 132 5.02 1.39 -13.79
N ASP A 133 5.56 1.98 -14.83
CA ASP A 133 5.92 1.27 -16.07
C ASP A 133 7.42 1.37 -16.29
N PRO A 134 8.19 0.30 -16.10
CA PRO A 134 9.67 0.43 -16.16
C PRO A 134 10.21 0.81 -17.54
N LYS A 135 9.39 0.74 -18.58
CA LYS A 135 9.74 1.26 -19.89
C LYS A 135 9.91 2.78 -19.92
N THR A 136 9.54 3.50 -18.87
CA THR A 136 9.79 4.94 -18.86
C THR A 136 11.26 5.25 -18.55
N LYS A 137 11.98 4.31 -17.92
CA LYS A 137 13.37 4.54 -17.55
C LYS A 137 14.27 4.33 -18.79
N ASN A 138 14.04 5.18 -19.78
CA ASN A 138 14.84 5.21 -21.00
C ASN A 138 15.75 6.44 -20.86
N VAL A 139 17.01 6.20 -20.49
CA VAL A 139 17.97 7.29 -20.24
C VAL A 139 18.53 7.92 -21.51
N THR A 140 18.26 7.35 -22.68
CA THR A 140 18.79 7.87 -23.93
C THR A 140 17.88 8.92 -24.56
N LYS A 141 16.67 9.12 -24.04
CA LYS A 141 15.75 10.07 -24.66
C LYS A 141 15.27 11.08 -23.62
N GLU A 142 14.69 12.17 -24.12
CA GLU A 142 14.29 13.29 -23.29
C GLU A 142 13.25 12.86 -22.26
N ASN A 143 13.23 13.57 -21.12
CA ASN A 143 12.41 13.18 -19.97
C ASN A 143 11.27 14.19 -19.83
N ASP A 144 10.19 13.95 -20.58
CA ASP A 144 9.05 14.86 -20.53
C ASP A 144 8.00 14.35 -19.55
N SER A 145 7.07 15.23 -19.19
CA SER A 145 5.96 14.83 -18.35
C SER A 145 5.24 13.67 -19.02
N LYS A 146 4.89 12.66 -18.23
CA LYS A 146 4.21 11.48 -18.74
C LYS A 146 2.71 11.61 -18.52
N GLU A 147 1.95 10.94 -19.37
N GLU A 147 1.94 10.96 -19.39
CA GLU A 147 0.50 10.97 -19.32
CA GLU A 147 0.49 10.98 -19.25
C GLU A 147 0.04 9.63 -18.77
C GLU A 147 0.06 9.61 -18.75
N GLY A 148 -0.56 8.80 -19.61
CA GLY A 148 -0.97 7.46 -19.18
C GLY A 148 -1.76 7.49 -17.89
N PHE A 149 -1.37 6.61 -16.96
CA PHE A 149 -2.09 6.50 -15.69
C PHE A 149 -2.03 7.78 -14.87
N PHE A 150 -1.03 8.65 -15.09
CA PHE A 150 -1.02 9.91 -14.37
C PHE A 150 -2.22 10.76 -14.74
N THR A 151 -2.62 10.73 -16.00
CA THR A 151 -3.80 11.50 -16.38
C THR A 151 -5.02 10.99 -15.63
N TYR A 152 -5.14 9.66 -15.51
CA TYR A 152 -6.24 9.08 -14.73
C TYR A 152 -6.17 9.54 -13.27
N ILE A 153 -4.99 9.46 -12.67
CA ILE A 153 -4.85 9.79 -11.25
C ILE A 153 -5.23 11.24 -10.99
N CYS A 154 -4.80 12.16 -11.87
CA CYS A 154 -5.14 13.56 -11.65
C CYS A 154 -6.65 13.77 -11.68
N GLY A 155 -7.30 13.20 -12.69
CA GLY A 155 -8.77 13.26 -12.71
C GLY A 155 -9.40 12.58 -11.51
N PHE A 156 -8.88 11.40 -11.15
CA PHE A 156 -9.49 10.67 -10.05
C PHE A 156 -9.42 11.46 -8.76
N ILE A 157 -8.31 12.16 -8.55
CA ILE A 157 -8.18 12.98 -7.36
C ILE A 157 -9.20 14.10 -7.36
N GLN A 158 -9.27 14.84 -8.47
CA GLN A 158 -10.14 16.00 -8.52
C GLN A 158 -11.61 15.61 -8.45
N GLN A 159 -11.94 14.41 -8.93
CA GLN A 159 -13.33 14.00 -8.95
C GLN A 159 -13.74 13.17 -7.74
N LYS A 160 -12.83 12.38 -7.16
CA LYS A 160 -13.23 11.39 -6.19
C LYS A 160 -12.45 11.41 -4.88
N LEU A 161 -11.58 12.39 -4.67
CA LEU A 161 -10.94 12.49 -3.37
C LEU A 161 -11.77 13.39 -2.46
N ALA A 162 -12.12 12.90 -1.28
CA ALA A 162 -12.86 13.75 -0.38
C ALA A 162 -12.03 14.94 0.04
N LEU A 163 -12.68 16.08 0.23
CA LEU A 163 -11.97 17.20 0.86
C LEU A 163 -11.47 16.74 2.22
N GLY A 164 -10.24 17.15 2.56
CA GLY A 164 -9.57 16.65 3.73
C GLY A 164 -8.78 15.37 3.53
N GLY A 165 -9.02 14.66 2.44
CA GLY A 165 -8.33 13.43 2.18
C GLY A 165 -6.89 13.65 1.72
N SER A 166 -6.16 12.55 1.61
CA SER A 166 -4.74 12.63 1.30
C SER A 166 -4.39 11.62 0.23
N VAL A 167 -3.22 11.85 -0.40
CA VAL A 167 -2.73 10.92 -1.42
C VAL A 167 -1.23 10.70 -1.23
N ALA A 168 -0.78 9.54 -1.74
CA ALA A 168 0.64 9.24 -1.91
C ALA A 168 0.79 8.51 -3.23
N ILE A 169 1.47 9.13 -4.20
CA ILE A 169 1.55 8.67 -5.57
C ILE A 169 3.03 8.45 -5.91
N LYS A 170 3.38 7.23 -6.28
CA LYS A 170 4.77 6.92 -6.58
C LYS A 170 5.20 7.55 -7.90
N ILE A 171 6.36 8.22 -7.86
CA ILE A 171 7.01 8.81 -9.03
C ILE A 171 8.46 8.34 -9.02
N THR A 172 9.15 8.59 -10.13
CA THR A 172 10.59 8.36 -10.25
C THR A 172 11.18 9.51 -11.08
N GLU A 173 12.48 9.39 -11.40
CA GLU A 173 13.09 10.35 -12.32
C GLU A 173 12.26 10.47 -13.60
N HIS A 174 11.86 9.34 -14.19
CA HIS A 174 11.18 9.36 -15.48
C HIS A 174 9.66 9.17 -15.41
N SER A 175 9.17 8.58 -14.33
CA SER A 175 7.75 8.35 -14.14
C SER A 175 7.20 9.49 -13.30
N TRP A 176 6.72 10.53 -13.97
CA TRP A 176 6.22 11.72 -13.29
C TRP A 176 5.30 12.47 -14.25
N ASN A 177 4.60 13.46 -13.71
CA ASN A 177 3.58 14.22 -14.42
C ASN A 177 3.49 15.61 -13.82
N ALA A 178 3.50 16.62 -14.68
CA ALA A 178 3.53 18.00 -14.21
C ALA A 178 2.20 18.41 -13.54
N ASP A 179 1.07 18.00 -14.09
CA ASP A 179 -0.21 18.35 -13.48
C ASP A 179 -0.38 17.76 -12.08
N LEU A 180 0.18 16.57 -11.85
CA LEU A 180 0.13 15.98 -10.51
C LEU A 180 0.88 16.85 -9.51
N TYR A 181 2.07 17.34 -9.87
CA TYR A 181 2.73 18.32 -9.01
C TYR A 181 1.88 19.57 -8.84
N LYS A 182 1.29 20.08 -9.95
CA LYS A 182 0.45 21.27 -9.80
C LYS A 182 -0.69 20.98 -8.83
N LEU A 183 -1.20 19.76 -8.86
CA LEU A 183 -2.31 19.42 -7.99
C LEU A 183 -1.89 19.32 -6.53
N MET A 184 -0.60 19.09 -6.27
CA MET A 184 -0.11 19.17 -4.90
C MET A 184 -0.41 20.53 -4.27
N GLY A 185 -0.46 21.59 -5.06
CA GLY A 185 -0.82 22.87 -4.49
C GLY A 185 -2.27 23.05 -4.14
N HIS A 186 -3.08 22.01 -4.33
CA HIS A 186 -4.49 21.99 -3.96
C HIS A 186 -4.71 21.30 -2.65
N PHE A 187 -3.63 20.93 -1.98
CA PHE A 187 -3.65 20.38 -0.63
C PHE A 187 -3.08 21.43 0.34
N ALA A 188 -3.41 21.26 1.62
CA ALA A 188 -2.87 22.14 2.65
C ALA A 188 -1.35 22.05 2.75
N TRP A 189 -0.80 20.90 2.44
CA TRP A 189 0.65 20.65 2.51
C TRP A 189 0.97 19.49 1.57
N TRP A 190 2.24 19.41 1.16
CA TRP A 190 2.67 18.37 0.23
C TRP A 190 4.18 18.17 0.42
N THR A 191 4.64 16.99 -0.03
CA THR A 191 6.07 16.74 -0.12
C THR A 191 6.34 15.59 -1.09
N ALA A 192 7.64 15.35 -1.32
CA ALA A 192 8.13 14.14 -1.97
C ALA A 192 8.96 13.39 -0.93
N PHE A 193 8.54 12.16 -0.63
CA PHE A 193 9.08 11.35 0.44
C PHE A 193 9.81 10.16 -0.15
N VAL A 194 11.07 10.00 0.27
CA VAL A 194 11.93 8.92 -0.18
C VAL A 194 12.09 7.96 0.97
N THR A 195 11.77 6.68 0.76
CA THR A 195 11.96 5.70 1.82
C THR A 195 13.44 5.42 2.02
N ASN A 196 13.84 5.21 3.28
CA ASN A 196 15.26 4.92 3.53
C ASN A 196 15.68 3.57 2.97
N VAL A 197 14.76 2.59 2.88
CA VAL A 197 15.14 1.28 2.32
C VAL A 197 15.41 1.36 0.84
N ASN A 198 14.79 2.29 0.12
CA ASN A 198 14.92 2.34 -1.33
C ASN A 198 15.58 3.64 -1.80
N ALA A 199 16.41 4.22 -0.93
CA ALA A 199 17.00 5.54 -1.12
C ALA A 199 18.03 5.58 -2.23
N SER A 200 18.45 4.43 -2.72
CA SER A 200 19.32 4.33 -3.88
C SER A 200 18.59 4.57 -5.20
N SER A 201 17.28 4.70 -5.15
CA SER A 201 16.45 4.89 -6.32
C SER A 201 15.89 6.30 -6.35
N SER A 202 15.64 6.78 -7.57
CA SER A 202 14.98 8.07 -7.76
C SER A 202 13.49 8.03 -7.45
N GLU A 203 12.95 6.86 -7.13
CA GLU A 203 11.59 6.80 -6.57
C GLU A 203 11.38 7.80 -5.45
N ALA A 204 10.19 8.37 -5.44
CA ALA A 204 9.64 9.03 -4.27
C ALA A 204 8.13 8.82 -4.29
N PHE A 205 7.51 9.07 -3.16
CA PHE A 205 6.06 9.19 -3.09
C PHE A 205 5.72 10.66 -2.97
N LEU A 206 4.98 11.15 -3.95
CA LEU A 206 4.45 12.50 -3.87
C LEU A 206 3.21 12.48 -3.00
N ILE A 207 3.26 13.19 -1.86
CA ILE A 207 2.22 13.14 -0.84
C ILE A 207 1.51 14.49 -0.81
N GLY A 208 0.19 14.44 -1.02
CA GLY A 208 -0.67 15.55 -0.80
C GLY A 208 -1.45 15.33 0.49
N CYS A 209 -1.34 16.28 1.40
CA CYS A 209 -1.89 16.15 2.75
C CYS A 209 -3.05 17.13 2.93
N ASN A 210 -4.25 16.59 3.11
CA ASN A 210 -5.50 17.32 3.32
C ASN A 210 -5.92 18.13 2.10
N TYR A 211 -6.72 17.51 1.24
CA TYR A 211 -7.21 18.11 0.01
C TYR A 211 -8.20 19.25 0.25
N LEU A 212 -7.99 20.34 -0.49
CA LEU A 212 -8.84 21.52 -0.39
C LEU A 212 -9.74 21.75 -1.59
N GLY A 213 -9.55 21.01 -2.69
CA GLY A 213 -10.42 21.16 -3.84
C GLY A 213 -10.23 22.41 -4.66
N LYS A 214 -9.21 23.19 -4.38
CA LYS A 214 -8.90 24.41 -5.10
C LYS A 214 -7.42 24.71 -4.88
N PRO A 215 -6.80 25.51 -5.74
CA PRO A 215 -5.37 25.83 -5.53
C PRO A 215 -5.18 26.73 -4.33
N ARG A 216 -4.37 26.27 -3.41
CA ARG A 216 -3.84 27.10 -2.34
C ARG A 216 -2.60 27.82 -2.83
N GLU A 217 -1.93 27.22 -3.79
CA GLU A 217 -0.61 27.62 -4.28
C GLU A 217 -0.52 27.20 -5.73
N GLN A 218 0.10 28.04 -6.56
CA GLN A 218 0.28 27.73 -7.97
C GLN A 218 1.65 27.11 -8.13
N ILE A 219 1.68 25.85 -8.55
CA ILE A 219 2.92 25.12 -8.74
C ILE A 219 3.07 24.82 -10.21
N ASP A 220 4.25 25.17 -10.75
CA ASP A 220 4.69 24.71 -12.05
C ASP A 220 5.33 23.34 -11.88
N GLY A 221 4.68 22.31 -12.43
CA GLY A 221 5.13 20.95 -12.20
C GLY A 221 6.40 20.57 -12.91
N TYR A 222 6.68 21.20 -14.06
CA TYR A 222 7.96 20.96 -14.73
C TYR A 222 9.10 21.45 -13.85
N VAL A 223 8.97 22.68 -13.34
CA VAL A 223 9.97 23.20 -12.44
C VAL A 223 10.03 22.38 -11.16
N MET A 224 8.87 21.97 -10.63
CA MET A 224 8.94 21.30 -9.32
C MET A 224 9.64 19.96 -9.47
N HIS A 225 9.45 19.28 -10.59
CA HIS A 225 10.14 18.00 -10.74
C HIS A 225 11.65 18.24 -10.85
N ALA A 226 12.03 19.32 -11.51
CA ALA A 226 13.45 19.64 -11.62
C ALA A 226 13.99 19.95 -10.24
N ASN A 227 13.19 20.62 -9.40
CA ASN A 227 13.59 20.86 -8.03
C ASN A 227 13.79 19.55 -7.28
N TYR A 228 12.87 18.59 -7.46
CA TYR A 228 12.95 17.30 -6.78
C TYR A 228 14.23 16.56 -7.18
N ILE A 229 14.51 16.52 -8.47
CA ILE A 229 15.72 15.88 -8.96
C ILE A 229 16.97 16.62 -8.48
N PHE A 230 16.95 17.94 -8.49
CA PHE A 230 18.07 18.69 -7.92
C PHE A 230 18.35 18.26 -6.47
N TRP A 231 17.30 18.20 -5.64
CA TRP A 231 17.43 17.74 -4.26
C TRP A 231 18.07 16.37 -4.21
N ARG A 232 17.48 15.41 -4.94
CA ARG A 232 18.03 14.05 -4.95
C ARG A 232 19.48 14.04 -5.38
N ASN A 233 19.81 14.82 -6.43
CA ASN A 233 21.16 14.80 -6.99
C ASN A 233 22.21 15.34 -6.01
N THR A 234 21.83 16.20 -5.10
CA THR A 234 22.79 16.84 -4.22
C THR A 234 22.68 16.40 -2.79
N ASN A 235 21.78 15.48 -2.48
CA ASN A 235 21.59 15.05 -1.10
C ASN A 235 21.55 13.54 -1.05
N PRO A 236 22.71 12.89 -1.05
CA PRO A 236 22.74 11.43 -0.91
C PRO A 236 22.03 11.01 0.36
N ILE A 237 21.22 9.97 0.26
CA ILE A 237 20.49 9.44 1.40
C ILE A 237 21.07 8.07 1.75
N GLN A 238 21.50 7.93 3.00
CA GLN A 238 22.06 6.67 3.49
C GLN A 238 20.97 5.60 3.49
N LEU A 239 21.20 4.50 2.76
CA LEU A 239 20.28 3.37 2.82
C LEU A 239 20.13 2.94 4.28
N SER A 240 18.90 2.74 4.71
CA SER A 240 18.68 2.30 6.09
C SER A 240 17.38 1.54 6.24
N SER A 241 17.44 0.45 6.99
CA SER A 241 16.28 -0.32 7.39
C SER A 241 15.96 -0.21 8.89
N TYR A 242 16.62 0.73 9.57
N TYR A 242 16.63 0.71 9.61
CA TYR A 242 16.52 0.85 11.03
CA TYR A 242 16.46 0.79 11.05
C TYR A 242 15.07 0.96 11.52
C TYR A 242 15.00 0.86 11.46
N SER A 243 14.23 1.76 10.86
CA SER A 243 12.89 2.00 11.38
C SER A 243 12.02 0.75 11.33
N LEU A 244 12.39 -0.24 10.52
CA LEU A 244 11.58 -1.46 10.37
C LEU A 244 11.53 -2.26 11.66
N PHE A 245 12.51 -2.10 12.52
CA PHE A 245 12.63 -2.88 13.74
C PHE A 245 11.78 -2.34 14.89
N ASP A 246 11.15 -1.19 14.75
CA ASP A 246 10.29 -0.67 15.81
C ASP A 246 8.91 -0.38 15.27
N MET A 247 8.02 -1.35 15.48
CA MET A 247 6.65 -1.29 15.00
C MET A 247 5.67 -0.95 16.10
N SER A 248 6.17 -0.55 17.28
CA SER A 248 5.29 -0.38 18.44
C SER A 248 4.27 0.72 18.22
N LYS A 249 4.62 1.76 17.48
CA LYS A 249 3.71 2.87 17.25
C LYS A 249 3.23 2.91 15.79
N PHE A 250 3.21 1.75 15.12
CA PHE A 250 2.87 1.71 13.70
C PHE A 250 1.41 1.98 13.38
N PRO A 251 0.43 1.39 14.08
CA PRO A 251 -0.97 1.54 13.65
C PRO A 251 -1.36 3.00 13.52
N LEU A 252 -2.10 3.29 12.48
CA LEU A 252 -2.66 4.61 12.29
C LEU A 252 -3.73 4.85 13.37
N LYS A 253 -3.60 5.95 14.11
CA LYS A 253 -4.56 6.26 15.17
C LYS A 253 -5.94 6.49 14.56
N LEU A 254 -6.95 5.80 15.07
CA LEU A 254 -8.34 6.06 14.64
C LEU A 254 -8.76 7.36 15.32
N ARG A 255 -8.69 8.47 14.58
CA ARG A 255 -9.02 9.78 15.11
C ARG A 255 -10.53 10.04 15.14
N GLY A 256 -11.33 9.21 14.49
CA GLY A 256 -12.75 9.48 14.40
C GLY A 256 -13.05 10.82 13.77
N THR A 257 -12.18 11.29 12.88
CA THR A 257 -12.39 12.54 12.19
C THR A 257 -13.82 12.67 11.69
N ALA A 258 -14.38 13.86 11.85
CA ALA A 258 -15.75 14.10 11.45
C ALA A 258 -15.89 14.11 9.92
N VAL A 259 -17.04 13.61 9.47
CA VAL A 259 -17.44 13.59 8.06
C VAL A 259 -18.74 14.35 7.93
N MET A 260 -18.78 15.30 7.02
CA MET A 260 -19.99 16.02 6.69
C MET A 260 -20.16 16.08 5.19
N SER A 261 -21.41 16.09 4.76
CA SER A 261 -21.72 16.37 3.37
C SER A 261 -21.90 17.88 3.31
N LEU A 262 -21.39 18.51 2.27
CA LEU A 262 -21.48 19.94 2.15
C LEU A 262 -21.42 20.29 0.67
N LYS A 263 -22.10 21.37 0.31
CA LYS A 263 -22.19 21.82 -1.06
C LYS A 263 -21.20 22.96 -1.23
N GLU A 264 -20.66 23.10 -2.43
CA GLU A 264 -19.50 23.95 -2.63
C GLU A 264 -19.71 25.37 -2.12
N GLY A 265 -20.96 25.75 -1.85
CA GLY A 265 -21.21 27.08 -1.31
C GLY A 265 -20.92 27.23 0.16
N GLN A 266 -21.04 26.15 0.93
CA GLN A 266 -20.88 26.23 2.37
C GLN A 266 -19.44 26.04 2.82
N ILE A 267 -18.50 25.90 1.89
CA ILE A 267 -17.10 25.70 2.24
C ILE A 267 -16.48 27.10 2.37
N ASN A 268 -16.47 27.59 3.60
CA ASN A 268 -15.91 28.87 3.98
C ASN A 268 -14.50 28.68 4.55
N ASP A 269 -13.88 29.80 4.94
CA ASP A 269 -12.51 29.76 5.44
C ASP A 269 -12.39 28.98 6.74
N MET A 270 -13.48 28.85 7.51
CA MET A 270 -13.44 28.07 8.74
C MET A 270 -13.46 26.58 8.45
N ILE A 271 -14.32 26.16 7.51
CA ILE A 271 -14.28 24.80 7.00
C ILE A 271 -12.88 24.51 6.45
N LEU A 272 -12.38 25.40 5.59
CA LEU A 272 -11.07 25.20 4.99
C LEU A 272 -9.98 25.07 6.04
N SER A 273 -10.12 25.78 7.16
CA SER A 273 -9.12 25.69 8.21
C SER A 273 -9.19 24.34 8.89
N LEU A 274 -10.41 23.83 9.08
CA LEU A 274 -10.56 22.49 9.63
C LEU A 274 -10.02 21.43 8.67
N LEU A 275 -10.35 21.54 7.38
CA LEU A 275 -9.79 20.63 6.39
C LEU A 275 -8.27 20.60 6.50
N SER A 276 -7.66 21.79 6.58
CA SER A 276 -6.23 21.97 6.57
C SER A 276 -5.55 21.37 7.76
N LYS A 277 -6.26 21.17 8.87
CA LYS A 277 -5.69 20.61 10.09
C LYS A 277 -5.94 19.12 10.25
N GLY A 278 -6.54 18.48 9.25
CA GLY A 278 -6.83 17.07 9.38
C GLY A 278 -8.00 16.79 10.31
N ARG A 279 -8.90 17.77 10.47
CA ARG A 279 -10.00 17.65 11.42
C ARG A 279 -11.34 17.44 10.74
N LEU A 280 -11.39 17.32 9.43
CA LEU A 280 -12.67 17.24 8.77
C LEU A 280 -12.53 16.54 7.43
N ILE A 281 -13.51 15.69 7.11
CA ILE A 281 -13.66 15.07 5.79
C ILE A 281 -15.01 15.49 5.24
N ILE A 282 -15.04 15.87 3.97
CA ILE A 282 -16.29 16.26 3.32
C ILE A 282 -16.54 15.36 2.13
N ARG A 283 -17.65 14.62 2.20
CA ARG A 283 -18.11 13.69 1.18
C ARG A 283 -19.39 13.04 1.71
N GLU A 284 -20.13 12.38 0.83
N GLU A 284 -20.09 12.34 0.81
CA GLU A 284 -21.25 11.58 1.31
CA GLU A 284 -21.18 11.45 1.19
C GLU A 284 -20.72 10.33 2.00
C GLU A 284 -20.65 10.33 2.07
N ASN A 285 -21.53 9.77 2.89
CA ASN A 285 -21.18 8.61 3.70
C ASN A 285 -22.02 7.41 3.28
N ASN A 286 -22.27 7.33 1.97
CA ASN A 286 -23.10 6.32 1.36
C ASN A 286 -22.34 5.00 1.26
N ARG A 287 -22.96 4.04 0.58
CA ARG A 287 -22.34 2.75 0.34
C ARG A 287 -21.20 2.91 -0.66
N VAL A 288 -20.20 2.06 -0.53
CA VAL A 288 -19.06 2.07 -1.45
C VAL A 288 -19.31 1.09 -2.59
N VAL A 289 -19.34 1.62 -3.81
CA VAL A 289 -19.66 0.85 -5.00
C VAL A 289 -18.63 1.18 -6.05
N ILE A 290 -18.00 0.14 -6.60
CA ILE A 290 -16.94 0.29 -7.58
C ILE A 290 -17.26 -0.57 -8.78
N SER A 291 -16.57 -0.30 -9.89
CA SER A 291 -16.68 -1.21 -11.03
C SER A 291 -15.49 -1.06 -11.94
N SER A 292 -15.31 -2.05 -12.80
CA SER A 292 -14.30 -2.01 -13.85
C SER A 292 -14.98 -2.14 -15.22
N ASP A 293 -14.71 -1.17 -16.12
CA ASP A 293 -15.20 -1.25 -17.49
C ASP A 293 -14.52 -2.43 -18.20
N VAL A 294 -15.32 -3.23 -18.90
CA VAL A 294 -14.87 -4.41 -19.65
C VAL A 294 -15.22 -4.22 -21.12
N LEU A 295 -14.20 -4.25 -21.97
CA LEU A 295 -14.32 -4.19 -23.41
C LEU A 295 -14.74 -5.54 -23.94
N VAL A 296 -15.81 -5.57 -24.71
CA VAL A 296 -16.33 -6.82 -25.26
C VAL A 296 -15.96 -6.93 -26.74
N ASN A 297 -15.37 -8.08 -27.10
CA ASN A 297 -15.03 -8.44 -28.46
C ASN A 297 -15.34 -9.90 -28.71
N ASN A 298 -15.80 -10.17 -29.93
CA ASN A 298 -15.98 -11.53 -30.44
C ASN A 298 -15.03 -11.71 -31.61
N GLU A 299 -14.00 -12.54 -31.42
CA GLU A 299 -12.91 -12.78 -32.34
C GLU A 299 -13.21 -13.82 -33.41
N ASN A 300 -14.37 -14.49 -33.35
CA ASN A 300 -14.69 -15.57 -34.26
C ASN A 300 -14.99 -15.06 -35.67
N LEU A 301 -14.58 -15.84 -36.67
CA LEU A 301 -14.56 -15.46 -38.09
C LEU A 301 -14.16 -13.99 -38.30
N ALA B 19 -19.81 -35.78 -9.39
CA ALA B 19 -19.11 -36.65 -8.44
C ALA B 19 -17.58 -36.41 -8.38
N PHE B 20 -17.03 -35.64 -9.33
CA PHE B 20 -15.59 -35.38 -9.44
C PHE B 20 -15.28 -33.97 -8.97
N ALA B 21 -14.31 -33.86 -8.06
CA ALA B 21 -13.76 -32.57 -7.62
C ALA B 21 -12.25 -32.68 -7.56
N VAL B 22 -11.55 -31.65 -8.04
CA VAL B 22 -10.11 -31.59 -7.81
C VAL B 22 -9.88 -31.48 -6.31
N ASP B 23 -8.88 -32.21 -5.82
CA ASP B 23 -8.50 -32.19 -4.41
C ASP B 23 -7.11 -31.55 -4.33
N ALA B 24 -7.10 -30.21 -4.30
CA ALA B 24 -5.82 -29.50 -4.32
C ALA B 24 -5.07 -29.67 -3.00
N ALA B 25 -5.81 -29.74 -1.89
CA ALA B 25 -5.18 -30.00 -0.60
C ALA B 25 -4.33 -31.26 -0.66
N LYS B 26 -4.92 -32.35 -1.16
CA LYS B 26 -4.18 -33.60 -1.25
C LYS B 26 -2.99 -33.48 -2.18
N ALA B 27 -3.17 -32.83 -3.33
CA ALA B 27 -2.08 -32.73 -4.28
C ALA B 27 -0.89 -31.99 -3.67
N TYR B 28 -1.15 -30.99 -2.84
CA TYR B 28 -0.05 -30.24 -2.25
C TYR B 28 0.64 -31.07 -1.17
N LYS B 29 -0.17 -31.69 -0.27
CA LYS B 29 0.38 -32.61 0.72
C LYS B 29 1.26 -33.68 0.06
N ASP B 30 0.80 -34.25 -1.06
CA ASP B 30 1.60 -35.30 -1.70
C ASP B 30 2.83 -34.72 -2.38
N TYR B 31 2.69 -33.56 -3.01
CA TYR B 31 3.86 -32.89 -3.60
C TYR B 31 4.91 -32.61 -2.53
N LEU B 32 4.48 -32.15 -1.35
CA LEU B 32 5.44 -31.87 -0.29
C LEU B 32 6.15 -33.15 0.15
N ALA B 33 5.37 -34.21 0.38
CA ALA B 33 5.93 -35.49 0.80
C ALA B 33 6.93 -36.03 -0.23
N SER B 34 6.66 -35.80 -1.51
CA SER B 34 7.58 -36.21 -2.57
C SER B 34 8.82 -35.32 -2.66
N GLY B 35 8.99 -34.36 -1.75
CA GLY B 35 10.17 -33.51 -1.77
C GLY B 35 10.07 -32.23 -2.58
N GLY B 36 8.86 -31.75 -2.87
CA GLY B 36 8.71 -30.52 -3.64
C GLY B 36 8.95 -29.28 -2.79
N GLN B 37 9.44 -28.21 -3.45
CA GLN B 37 9.72 -26.95 -2.74
C GLN B 37 8.39 -26.29 -2.34
N PRO B 38 8.21 -25.90 -1.08
CA PRO B 38 6.95 -25.26 -0.67
C PRO B 38 6.62 -24.01 -1.48
N ILE B 39 5.34 -23.73 -1.56
CA ILE B 39 4.89 -22.47 -2.12
C ILE B 39 5.60 -21.32 -1.40
N THR B 40 6.03 -20.37 -2.19
CA THR B 40 6.81 -19.24 -1.74
C THR B 40 6.07 -17.93 -1.99
N ASN B 41 6.77 -16.82 -1.75
CA ASN B 41 6.26 -15.46 -1.87
C ASN B 41 5.05 -15.21 -0.97
N CYS B 42 4.93 -15.95 0.12
CA CYS B 42 4.00 -15.56 1.16
C CYS B 42 4.45 -14.22 1.74
N VAL B 43 3.49 -13.35 2.07
CA VAL B 43 3.81 -11.97 2.42
C VAL B 43 4.04 -11.87 3.92
N LYS B 44 5.31 -11.80 4.34
CA LYS B 44 5.61 -11.70 5.76
C LYS B 44 5.60 -10.23 6.21
N MET B 45 4.96 -9.98 7.34
CA MET B 45 4.78 -8.64 7.86
C MET B 45 5.84 -8.29 8.91
N LEU B 46 6.17 -6.99 8.98
CA LEU B 46 6.91 -6.47 10.10
C LEU B 46 5.94 -6.29 11.26
N CYS B 47 6.35 -6.69 12.44
CA CYS B 47 5.52 -6.52 13.62
C CYS B 47 6.44 -6.57 14.83
N THR B 48 5.83 -6.39 16.01
CA THR B 48 6.56 -6.36 17.28
C THR B 48 6.98 -7.74 17.74
N HIS B 49 6.26 -8.76 17.33
CA HIS B 49 6.45 -10.10 17.86
C HIS B 49 6.22 -10.13 19.38
N THR B 50 5.28 -9.29 19.83
CA THR B 50 4.79 -9.31 21.19
C THR B 50 3.28 -9.44 21.21
N GLY B 51 2.70 -10.12 20.22
CA GLY B 51 1.26 -10.22 20.07
C GLY B 51 0.71 -11.41 20.81
N THR B 52 -0.58 -11.65 20.62
CA THR B 52 -1.29 -12.66 21.37
C THR B 52 -0.93 -14.08 20.97
N GLY B 53 -0.33 -14.28 19.80
CA GLY B 53 -0.04 -15.63 19.34
C GLY B 53 -1.24 -16.38 18.80
N GLN B 54 -2.41 -15.77 18.73
CA GLN B 54 -3.51 -16.45 18.11
C GLN B 54 -3.28 -16.67 16.62
N ALA B 55 -4.02 -17.62 16.06
CA ALA B 55 -3.69 -18.18 14.76
C ALA B 55 -4.01 -17.22 13.62
N ILE B 56 -5.22 -16.68 13.59
CA ILE B 56 -5.69 -15.88 12.46
C ILE B 56 -6.35 -14.64 13.05
N THR B 57 -5.81 -13.47 12.73
CA THR B 57 -6.22 -12.27 13.44
C THR B 57 -6.40 -11.13 12.47
N VAL B 58 -7.01 -10.05 12.96
CA VAL B 58 -7.32 -8.92 12.08
C VAL B 58 -6.10 -8.03 11.81
N THR B 59 -5.06 -8.17 12.62
CA THR B 59 -3.80 -7.44 12.52
C THR B 59 -2.72 -8.41 12.97
N PRO B 60 -1.47 -8.20 12.55
CA PRO B 60 -0.41 -9.13 12.97
C PRO B 60 -0.34 -9.29 14.48
N GLU B 61 -0.26 -10.55 14.94
CA GLU B 61 -0.24 -10.88 16.35
C GLU B 61 0.83 -11.91 16.66
N ALA B 62 1.84 -12.04 15.82
CA ALA B 62 2.93 -12.93 16.12
C ALA B 62 3.46 -12.67 17.53
N ASN B 63 3.76 -13.73 18.25
CA ASN B 63 4.55 -13.63 19.46
C ASN B 63 6.00 -13.90 19.11
N MET B 64 6.82 -14.14 20.13
CA MET B 64 8.27 -14.24 19.89
C MET B 64 8.61 -15.50 19.09
N ASP B 65 7.73 -16.51 19.11
CA ASP B 65 7.98 -17.76 18.40
C ASP B 65 7.27 -17.85 17.05
N GLN B 66 6.73 -16.75 16.55
CA GLN B 66 5.92 -16.79 15.32
C GLN B 66 6.32 -15.70 14.34
N GLU B 67 5.98 -15.92 13.08
CA GLU B 67 5.95 -14.89 12.05
C GLU B 67 4.51 -14.63 11.66
N SER B 68 4.19 -13.40 11.33
CA SER B 68 2.87 -13.04 10.85
C SER B 68 2.94 -12.81 9.34
N PHE B 69 1.90 -13.28 8.63
CA PHE B 69 1.84 -13.16 7.18
C PHE B 69 0.48 -12.64 6.75
N GLY B 70 0.46 -11.94 5.62
CA GLY B 70 -0.80 -11.59 5.00
C GLY B 70 -1.56 -12.87 4.64
N GLY B 71 -2.86 -12.91 4.96
CA GLY B 71 -3.60 -14.17 4.93
C GLY B 71 -3.76 -14.72 3.51
N ALA B 72 -4.22 -13.87 2.58
CA ALA B 72 -4.45 -14.37 1.23
C ALA B 72 -3.24 -15.11 0.69
N SER B 73 -2.06 -14.56 0.90
CA SER B 73 -0.84 -15.14 0.33
C SER B 73 -0.48 -16.51 0.94
N CYS B 74 -1.08 -16.87 2.08
CA CYS B 74 -0.84 -18.17 2.72
C CYS B 74 -1.99 -19.18 2.49
N CYS B 75 -2.96 -18.83 1.67
CA CYS B 75 -4.12 -19.67 1.45
C CYS B 75 -3.92 -20.43 0.15
N LEU B 76 -3.92 -21.76 0.23
CA LEU B 76 -3.74 -22.60 -0.95
C LEU B 76 -4.72 -22.24 -2.06
N TYR B 77 -5.99 -22.03 -1.71
CA TYR B 77 -7.00 -21.77 -2.72
C TYR B 77 -6.84 -20.40 -3.36
N CYS B 78 -6.61 -19.37 -2.53
CA CYS B 78 -6.30 -18.05 -3.08
C CYS B 78 -5.14 -18.14 -4.05
N ARG B 79 -4.07 -18.81 -3.64
CA ARG B 79 -2.84 -18.76 -4.40
C ARG B 79 -2.92 -19.60 -5.66
N CYS B 80 -3.72 -20.67 -5.65
CA CYS B 80 -3.86 -21.54 -6.79
C CYS B 80 -5.01 -21.14 -7.72
N HIS B 81 -5.75 -20.08 -7.39
CA HIS B 81 -6.85 -19.63 -8.23
C HIS B 81 -7.88 -20.74 -8.37
N ILE B 82 -8.33 -21.26 -7.24
CA ILE B 82 -9.33 -22.30 -7.24
C ILE B 82 -10.36 -22.00 -6.17
N ASP B 83 -11.47 -22.71 -6.26
CA ASP B 83 -12.60 -22.42 -5.41
C ASP B 83 -12.30 -22.83 -3.98
N HIS B 84 -12.84 -22.13 -3.05
CA HIS B 84 -12.60 -22.51 -1.68
C HIS B 84 -13.57 -23.64 -1.29
N PRO B 85 -13.12 -24.57 -0.46
CA PRO B 85 -14.01 -25.69 -0.07
C PRO B 85 -15.25 -25.25 0.70
N ASN B 86 -15.25 -24.08 1.32
CA ASN B 86 -16.50 -23.55 1.86
C ASN B 86 -17.61 -23.68 0.81
N PRO B 87 -18.81 -24.12 1.19
CA PRO B 87 -19.92 -24.10 0.22
C PRO B 87 -20.26 -22.70 -0.28
N LYS B 88 -19.94 -21.68 0.49
CA LYS B 88 -20.14 -20.29 0.08
C LYS B 88 -18.90 -19.70 -0.57
N GLY B 89 -17.84 -20.51 -0.71
CA GLY B 89 -16.58 -20.07 -1.26
C GLY B 89 -15.79 -19.12 -0.39
N PHE B 90 -16.21 -18.89 0.86
CA PHE B 90 -15.58 -17.89 1.72
C PHE B 90 -14.19 -18.36 2.16
N CYS B 91 -13.31 -17.38 2.45
CA CYS B 91 -11.93 -17.66 2.84
C CYS B 91 -11.69 -17.26 4.29
N ASP B 92 -11.13 -18.19 5.06
CA ASP B 92 -10.79 -17.91 6.45
C ASP B 92 -9.60 -16.98 6.61
N LEU B 93 -8.78 -16.84 5.56
CA LEU B 93 -7.48 -16.19 5.69
C LEU B 93 -7.42 -14.83 5.03
N LYS B 94 -7.96 -14.72 3.82
CA LYS B 94 -7.93 -13.48 3.06
C LYS B 94 -8.45 -12.32 3.90
N GLY B 95 -7.73 -11.20 3.87
CA GLY B 95 -8.12 -10.03 4.60
C GLY B 95 -7.73 -10.03 6.06
N LYS B 96 -7.11 -11.12 6.54
CA LYS B 96 -6.60 -11.23 7.89
C LYS B 96 -5.10 -11.54 7.83
N TYR B 97 -4.52 -11.76 9.02
CA TYR B 97 -3.11 -12.13 9.18
C TYR B 97 -3.05 -13.47 9.85
N VAL B 98 -2.11 -14.30 9.41
CA VAL B 98 -1.95 -15.63 9.95
C VAL B 98 -0.59 -15.70 10.64
N GLN B 99 -0.61 -16.18 11.87
CA GLN B 99 0.61 -16.42 12.63
C GLN B 99 1.08 -17.85 12.38
N ILE B 100 2.35 -17.98 12.02
CA ILE B 100 2.97 -19.25 11.69
C ILE B 100 4.13 -19.43 12.63
N PRO B 101 4.22 -20.57 13.33
CA PRO B 101 5.43 -20.87 14.09
C PRO B 101 6.65 -20.63 13.23
N THR B 102 7.66 -19.99 13.83
CA THR B 102 8.89 -19.71 13.10
C THR B 102 9.50 -20.99 12.54
N THR B 103 9.41 -22.08 13.29
CA THR B 103 9.97 -23.33 12.80
C THR B 103 9.26 -23.86 11.56
N CYS B 104 8.03 -23.42 11.28
CA CYS B 104 7.29 -23.85 10.09
C CYS B 104 7.15 -22.75 9.05
N ALA B 105 7.80 -21.61 9.26
CA ALA B 105 7.57 -20.48 8.38
C ALA B 105 8.16 -20.68 6.99
N ASN B 106 8.94 -21.74 6.76
CA ASN B 106 9.36 -22.03 5.38
C ASN B 106 8.19 -22.51 4.50
N ASP B 107 7.02 -22.80 5.07
CA ASP B 107 5.90 -23.33 4.30
C ASP B 107 4.60 -22.93 4.96
N PRO B 108 4.25 -21.63 4.91
CA PRO B 108 2.99 -21.21 5.55
C PRO B 108 1.75 -21.85 4.95
N VAL B 109 1.72 -22.06 3.63
CA VAL B 109 0.55 -22.66 3.02
C VAL B 109 0.35 -24.07 3.53
N GLY B 110 1.41 -24.88 3.51
CA GLY B 110 1.32 -26.21 4.11
C GLY B 110 0.88 -26.15 5.55
N PHE B 111 1.43 -25.22 6.30
CA PHE B 111 1.05 -25.12 7.71
C PHE B 111 -0.44 -24.84 7.87
N THR B 112 -0.97 -23.85 7.14
CA THR B 112 -2.36 -23.49 7.36
C THR B 112 -3.28 -24.61 6.93
N LEU B 113 -2.87 -25.33 5.88
CA LEU B 113 -3.67 -26.41 5.32
C LEU B 113 -3.73 -27.62 6.26
N LYS B 114 -2.59 -28.00 6.85
CA LYS B 114 -2.52 -29.16 7.70
C LYS B 114 -3.07 -28.93 9.09
N ASN B 115 -3.14 -27.70 9.57
CA ASN B 115 -3.40 -27.50 10.98
C ASN B 115 -4.76 -26.87 11.20
N THR B 116 -5.13 -26.79 12.48
CA THR B 116 -6.48 -26.39 12.83
C THR B 116 -6.44 -25.43 14.01
N VAL B 117 -7.36 -24.48 13.96
CA VAL B 117 -7.49 -23.45 14.98
C VAL B 117 -8.46 -23.91 16.05
N CYS B 118 -8.06 -23.80 17.31
CA CYS B 118 -9.00 -24.08 18.39
C CYS B 118 -10.14 -23.08 18.38
N THR B 119 -11.37 -23.59 18.29
CA THR B 119 -12.55 -22.73 18.28
C THR B 119 -12.75 -22.01 19.60
N VAL B 120 -12.05 -22.42 20.65
CA VAL B 120 -12.25 -21.83 21.96
C VAL B 120 -11.26 -20.69 22.20
N CYS B 121 -9.96 -20.99 22.12
CA CYS B 121 -8.95 -20.01 22.48
C CYS B 121 -8.32 -19.28 21.29
N GLY B 122 -8.63 -19.69 20.06
CA GLY B 122 -8.08 -19.05 18.87
C GLY B 122 -6.64 -19.36 18.57
N MET B 123 -6.01 -20.26 19.31
CA MET B 123 -4.65 -20.70 19.01
C MET B 123 -4.66 -21.92 18.12
N TRP B 124 -3.52 -22.16 17.47
CA TRP B 124 -3.37 -23.37 16.69
C TRP B 124 -3.39 -24.56 17.63
N LYS B 125 -4.27 -25.52 17.34
CA LYS B 125 -4.17 -26.82 18.02
C LYS B 125 -2.76 -27.32 17.81
N GLY B 126 -2.07 -27.58 18.92
CA GLY B 126 -0.72 -28.10 18.86
C GLY B 126 0.38 -27.07 18.80
N TYR B 127 0.06 -25.79 18.62
CA TYR B 127 1.07 -24.74 18.58
C TYR B 127 0.56 -23.49 19.29
N GLY B 128 0.01 -23.71 20.49
CA GLY B 128 -0.48 -22.64 21.32
C GLY B 128 -1.69 -23.03 22.14
N CYS B 129 -2.56 -23.89 21.60
CA CYS B 129 -3.78 -24.24 22.31
C CYS B 129 -3.43 -25.08 23.53
N SER B 130 -3.85 -24.61 24.71
CA SER B 130 -3.66 -25.32 25.98
C SER B 130 -5.00 -25.70 26.61
N CYS B 131 -6.05 -25.83 25.80
CA CYS B 131 -7.37 -26.09 26.33
C CYS B 131 -7.49 -27.49 26.91
N ASP B 132 -6.81 -28.47 26.32
CA ASP B 132 -6.84 -29.86 26.77
C ASP B 132 -5.82 -30.09 27.88
N GLN B 133 -5.99 -29.36 28.99
CA GLN B 133 -5.03 -29.31 30.09
C GLN B 133 -3.81 -28.47 29.73
N LEU B 134 -3.57 -27.41 30.50
CA LEU B 134 -2.52 -26.43 30.22
C LEU B 134 -1.15 -27.06 29.94
#